data_1I3Y
#
_entry.id   1I3Y
#
_cell.length_a   1.000
_cell.length_b   1.000
_cell.length_c   1.000
_cell.angle_alpha   90.00
_cell.angle_beta   90.00
_cell.angle_gamma   90.00
#
_symmetry.space_group_name_H-M   'P 1'
#
_entity_poly.entity_id   1
_entity_poly.type   'polyribonucleotide'
_entity_poly.pdbx_seq_one_letter_code
;GGCUGGC(OMU)GUUCGCCAGCC
;
_entity_poly.pdbx_strand_id   A
#
loop_
_chem_comp.id
_chem_comp.type
_chem_comp.name
_chem_comp.formula
A RNA linking ADENOSINE-5'-MONOPHOSPHATE 'C10 H14 N5 O7 P'
C RNA linking CYTIDINE-5'-MONOPHOSPHATE 'C9 H14 N3 O8 P'
G RNA linking GUANOSINE-5'-MONOPHOSPHATE 'C10 H14 N5 O8 P'
OMU RNA linking 'O2'-METHYLURIDINE 5'-MONOPHOSPHATE' 'C10 H15 N2 O9 P'
U RNA linking URIDINE-5'-MONOPHOSPHATE 'C9 H13 N2 O9 P'
#
# COMPACT_ATOMS: atom_id res chain seq x y z
N1 OMU A 8 -0.14 -1.00 -0.19
C2 OMU A 8 0.12 -2.34 -0.42
N3 OMU A 8 0.81 -2.62 -1.58
C4 OMU A 8 1.26 -1.70 -2.50
C5 OMU A 8 0.94 -0.33 -2.20
C6 OMU A 8 0.26 -0.03 -1.06
O2 OMU A 8 -0.22 -3.23 0.35
O4 OMU A 8 1.87 -2.08 -3.50
C1' OMU A 8 -0.90 -0.66 1.04
C2' OMU A 8 -0.01 -0.50 2.26
O2' OMU A 8 -0.75 -0.70 3.47
CM2 OMU A 8 -0.81 -2.11 3.76
C3' OMU A 8 0.41 0.96 2.12
C4' OMU A 8 -0.91 1.61 1.71
O3' OMU A 8 0.74 1.46 3.41
O4' OMU A 8 -1.53 0.63 0.85
C5' OMU A 8 -0.76 2.92 0.95
O5' OMU A 8 0.06 2.78 -0.22
P OMU A 8 0.57 4.07 -1.04
OP1 OMU A 8 0.90 5.13 -0.07
OP2 OMU A 8 1.59 3.61 -2.02
HN3 OMU A 8 1.02 -3.60 -1.76
H5 OMU A 8 1.26 0.47 -2.87
H6 OMU A 8 0.03 1.01 -0.84
H1' OMU A 8 -1.67 -1.41 1.21
H2' OMU A 8 0.86 -1.16 2.21
HM21 OMU A 8 0.19 -2.52 3.85
HM22 OMU A 8 -1.35 -2.29 4.68
HM23 OMU A 8 -1.32 -2.64 2.95
H3' OMU A 8 1.20 1.11 1.39
H4' OMU A 8 -1.55 1.76 2.58
H5' OMU A 8 -1.75 3.27 0.66
H5'' OMU A 8 -0.31 3.66 1.61
N1 OMU A 8 0.48 -0.94 -0.73
C2 OMU A 8 0.48 -2.31 -0.90
N3 OMU A 8 1.18 -2.79 -1.98
C4 OMU A 8 1.86 -2.03 -2.91
C5 OMU A 8 1.82 -0.61 -2.67
C6 OMU A 8 1.14 -0.11 -1.60
O2 OMU A 8 -0.09 -3.07 -0.12
O4 OMU A 8 2.43 -2.58 -3.84
C1' OMU A 8 -0.29 -0.38 0.41
C2' OMU A 8 0.46 -0.46 1.73
O2' OMU A 8 -0.46 -0.51 2.84
CM2 OMU A 8 -0.94 -1.84 2.98
C3' OMU A 8 1.22 0.86 1.71
C4' OMU A 8 0.16 1.81 1.15
O3' OMU A 8 1.46 1.25 3.07
O4' OMU A 8 -0.53 1.02 0.18
C5' OMU A 8 0.73 3.05 0.47
O5' OMU A 8 1.50 2.72 -0.69
P OMU A 8 1.89 3.86 -1.77
OP1 OMU A 8 2.52 4.99 -1.05
OP2 OMU A 8 2.59 3.20 -2.90
HN3 OMU A 8 1.18 -3.79 -2.12
H5 OMU A 8 2.32 0.07 -3.35
H6 OMU A 8 1.13 0.96 -1.44
H1' OMU A 8 -1.25 -0.91 0.48
H2' OMU A 8 1.15 -1.31 1.76
HM21 OMU A 8 -0.13 -2.57 2.90
HM22 OMU A 8 -1.67 -2.07 2.21
HM23 OMU A 8 -1.42 -1.98 3.94
H3' OMU A 8 2.13 0.82 1.12
H4' OMU A 8 -0.53 2.11 1.93
H5' OMU A 8 -0.11 3.70 0.18
H5'' OMU A 8 1.36 3.60 1.18
N1 OMU A 8 1.11 -0.01 -1.86
C2 OMU A 8 1.47 -1.29 -2.23
N3 OMU A 8 2.38 -1.39 -3.25
C4 OMU A 8 2.97 -0.34 -3.93
C5 OMU A 8 2.54 0.97 -3.49
C6 OMU A 8 1.64 1.09 -2.48
O2 OMU A 8 1.00 -2.29 -1.70
O4 OMU A 8 3.77 -0.55 -4.83
C1' OMU A 8 0.12 0.13 -0.76
C2' OMU A 8 0.72 -0.16 0.61
O2' OMU A 8 -0.29 -0.63 1.52
CM2 OMU A 8 -0.53 -2.02 1.26
C3' OMU A 8 1.21 1.23 1.00
C4' OMU A 8 0.07 2.11 0.52
O3' OMU A 8 1.22 1.30 2.43
O4' OMU A 8 -0.34 1.49 -0.71
C5' OMU A 8 0.44 3.57 0.25
O5' OMU A 8 1.31 3.68 -0.88
P OMU A 8 1.38 5.06 -1.73
OP1 OMU A 8 1.75 6.16 -0.81
OP2 OMU A 8 2.20 4.81 -2.94
HN3 OMU A 8 2.65 -2.31 -3.53
H5 OMU A 8 2.94 1.87 -3.96
H6 OMU A 8 1.33 2.09 -2.15
H1' OMU A 8 -0.73 -0.53 -0.96
H2' OMU A 8 1.54 -0.86 0.54
HM21 OMU A 8 -0.11 -2.31 0.29
HM22 OMU A 8 -1.61 -2.23 1.24
HM23 OMU A 8 -0.08 -2.65 2.02
H3' OMU A 8 2.17 1.48 0.57
H4' OMU A 8 -0.77 2.08 1.22
H5' OMU A 8 -0.47 4.13 0.05
H5'' OMU A 8 0.93 3.97 1.13
N1 OMU A 8 -0.30 -0.61 -0.50
C2 OMU A 8 -0.17 -1.98 -0.68
N3 OMU A 8 0.64 -2.38 -1.72
C4 OMU A 8 1.31 -1.56 -2.59
C5 OMU A 8 1.14 -0.15 -2.35
C6 OMU A 8 0.35 0.27 -1.33
O2 OMU A 8 -0.72 -2.79 0.06
O4 OMU A 8 2.00 -2.05 -3.48
C1' OMU A 8 -1.17 -0.15 0.60
C2' OMU A 8 -0.46 -0.08 1.94
O2' OMU A 8 -1.40 -0.21 3.03
CM2 OMU A 8 -1.62 -1.60 3.28
C3' OMU A 8 0.13 1.31 1.89
C4' OMU A 8 -1.02 2.10 1.31
O3' OMU A 8 0.33 1.77 3.23
O4' OMU A 8 -1.57 1.22 0.32
C5' OMU A 8 -0.63 3.42 0.64
O5' OMU A 8 0.26 3.22 -0.46
P OMU A 8 0.66 4.44 -1.43
OP1 OMU A 8 1.02 5.61 -0.59
OP2 OMU A 8 1.62 3.93 -2.43
HN3 OMU A 8 0.73 -3.38 -1.86
H5 OMU A 8 1.63 0.58 -2.98
H6 OMU A 8 0.24 1.34 -1.15
H1' OMU A 8 -2.05 -0.77 0.65
H2' OMU A 8 0.33 -0.84 2.01
HM21 OMU A 8 -2.34 -1.73 4.09
HM22 OMU A 8 -2.02 -2.10 2.39
HM23 OMU A 8 -0.70 -2.10 3.56
H3' OMU A 8 1.04 1.38 1.29
H4' OMU A 8 -1.78 2.30 2.07
H5' OMU A 8 -1.54 3.92 0.28
H5'' OMU A 8 -0.16 4.07 1.38
N1 OMU A 8 0.11 0.42 -1.78
C2 OMU A 8 0.18 -0.70 -2.59
N3 OMU A 8 0.91 -0.56 -3.74
C4 OMU A 8 1.58 0.57 -4.15
C5 OMU A 8 1.46 1.70 -3.26
C6 OMU A 8 0.75 1.58 -2.12
O2 OMU A 8 -0.37 -1.75 -2.31
O4 OMU A 8 2.20 0.56 -5.21
C1' OMU A 8 -0.69 0.31 -0.53
C2' OMU A 8 0.15 -0.19 0.65
O2' OMU A 8 -0.65 -0.84 1.68
CM2 OMU A 8 -2.05 -0.53 1.55
C3' OMU A 8 0.72 1.13 1.17
C4' OMU A 8 -0.46 2.09 1.03
O3' OMU A 8 0.97 0.97 2.58
O4' OMU A 8 -1.15 1.62 -0.15
C5' OMU A 8 -0.09 3.55 0.84
O5' OMU A 8 0.62 3.78 -0.38
P OMU A 8 0.62 5.22 -1.09
OP1 OMU A 8 0.87 6.25 -0.06
OP2 OMU A 8 1.48 5.16 -2.28
HN3 OMU A 8 0.97 -1.38 -4.33
H5 OMU A 8 1.95 2.64 -3.50
H6 OMU A 8 0.66 2.45 -1.45
H1' OMU A 8 -1.55 -0.33 -0.71
H2' OMU A 8 0.93 -0.85 0.31
HM21 OMU A 8 -2.56 -0.69 2.51
HM22 OMU A 8 -2.52 -1.17 0.81
HM23 OMU A 8 -2.20 0.50 1.27
H3' OMU A 8 1.61 1.44 0.63
H4' OMU A 8 -1.13 1.99 1.88
H5' OMU A 8 -1.00 4.15 0.85
H5'' OMU A 8 0.54 3.87 1.68
N1 OMU A 8 0.13 -0.95 -1.14
C2 OMU A 8 0.47 -2.26 -1.44
N3 OMU A 8 1.44 -2.42 -2.39
C4 OMU A 8 2.10 -1.42 -3.07
C5 OMU A 8 1.69 -0.07 -2.70
C6 OMU A 8 0.73 0.10 -1.77
O2 OMU A 8 -0.04 -3.22 -0.88
O4 OMU A 8 2.94 -1.69 -3.91
C1' OMU A 8 -0.95 -0.75 -0.14
C2' OMU A 8 -0.49 -1.03 1.28
O2' OMU A 8 -1.61 -1.36 2.13
CM2 OMU A 8 -1.93 -2.74 1.93
C3' OMU A 8 0.09 0.33 1.65
C4' OMU A 8 -0.92 1.29 1.06
O3' OMU A 8 0.02 0.45 3.09
O4' OMU A 8 -1.35 0.63 -0.15
C5' OMU A 8 -0.37 2.67 0.71
O5' OMU A 8 0.60 2.60 -0.34
P OMU A 8 0.87 3.87 -1.31
OP1 OMU A 8 1.25 5.02 -0.46
OP2 OMU A 8 1.77 3.42 -2.40
HN3 OMU A 8 1.71 -3.37 -2.62
H5 OMU A 8 2.15 0.78 -3.18
H6 OMU A 8 0.44 1.12 -1.49
H1' OMU A 8 -1.81 -1.37 -0.40
H2' OMU A 8 0.27 -1.81 1.31
HM21 OMU A 8 -1.96 -2.98 0.86
HM22 OMU A 8 -1.18 -3.38 2.40
HM23 OMU A 8 -2.91 -2.98 2.36
H3' OMU A 8 1.11 0.47 1.29
H4' OMU A 8 -1.77 1.41 1.72
H5' OMU A 8 -1.19 3.31 0.39
H5'' OMU A 8 0.10 3.11 1.59
N1 OMU A 8 -0.82 -2.16 -0.51
C2 OMU A 8 -0.56 -3.46 -0.93
N3 OMU A 8 -0.03 -3.59 -2.19
C4 OMU A 8 0.25 -2.57 -3.07
C5 OMU A 8 -0.05 -1.24 -2.57
C6 OMU A 8 -0.57 -1.09 -1.33
O2 OMU A 8 -0.76 -4.43 -0.22
O4 OMU A 8 0.72 -2.81 -4.17
C1' OMU A 8 -1.42 -1.98 0.82
C2' OMU A 8 -0.36 -1.89 1.93
O2' OMU A 8 -0.91 -2.30 3.19
CM2 OMU A 8 -0.68 -3.70 3.37
C3' OMU A 8 -0.05 -0.40 1.91
C4' OMU A 8 -1.45 0.19 1.75
O3' OMU A 8 0.42 -0.03 3.21
O4' OMU A 8 -2.11 -0.72 0.85
C5' OMU A 8 -1.46 1.60 1.15
O5' OMU A 8 -0.70 1.68 -0.06
P OMU A 8 0.04 3.04 -0.48
OP1 OMU A 8 0.17 3.90 0.71
OP2 OMU A 8 1.23 2.69 -1.28
HN3 OMU A 8 0.17 -4.53 -2.50
H5 OMU A 8 0.14 -0.37 -3.20
H6 OMU A 8 -0.79 -0.09 -0.97
H1' OMU A 8 -2.12 -2.78 1.02
H2' OMU A 8 0.52 -2.48 1.68
HM21 OMU A 8 -1.11 -4.27 2.55
HM22 OMU A 8 0.39 -3.91 3.40
HM23 OMU A 8 -1.12 -4.05 4.29
H3' OMU A 8 0.64 -0.12 1.12
H4' OMU A 8 -1.97 0.20 2.71
H5' OMU A 8 -2.50 1.89 0.95
H5'' OMU A 8 -1.05 2.30 1.89
N1 OMU A 8 1.00 -0.14 -1.62
C2 OMU A 8 1.22 -1.40 -2.11
N3 OMU A 8 2.12 -1.50 -3.15
C4 OMU A 8 2.81 -0.45 -3.73
C5 OMU A 8 2.51 0.84 -3.17
C6 OMU A 8 1.63 0.96 -2.15
O2 OMU A 8 0.67 -2.40 -1.67
O4 OMU A 8 3.58 -0.67 -4.67
C1' OMU A 8 0.04 0.00 -0.50
C2' OMU A 8 0.66 -0.30 0.85
O2' OMU A 8 -0.34 -0.68 1.82
CM2 OMU A 8 -0.72 -2.04 1.58
C3' OMU A 8 1.24 1.06 1.20
C4' OMU A 8 0.12 1.99 0.76
O3' OMU A 8 1.35 1.15 2.63
O4' OMU A 8 -0.40 1.37 -0.42
C5' OMU A 8 0.56 3.42 0.43
O5' OMU A 8 1.42 3.45 -0.71
P OMU A 8 1.56 4.79 -1.60
OP1 OMU A 8 1.87 5.92 -0.70
OP2 OMU A 8 2.45 4.49 -2.75
HN3 OMU A 8 2.30 -2.42 -3.52
H5 OMU A 8 3.00 1.73 -3.56
H6 OMU A 8 1.43 1.94 -1.73
H1' OMU A 8 -0.83 -0.64 -0.68
H2' OMU A 8 1.45 -1.06 0.77
HM21 OMU A 8 -0.96 -2.55 2.50
HM22 OMU A 8 -1.60 -2.09 0.92
HM23 OMU A 8 0.09 -2.59 1.09
H3' OMU A 8 2.20 1.26 0.69
H4' OMU A 8 -0.65 2.03 1.52
H5' OMU A 8 -0.33 4.02 0.23
H5'' OMU A 8 1.09 3.84 1.28
N1 OMU A 8 -0.94 -2.36 -0.55
C2 OMU A 8 -0.56 -3.62 -0.96
N3 OMU A 8 0.05 -3.69 -2.20
C4 OMU A 8 0.31 -2.63 -3.04
C5 OMU A 8 -0.12 -1.35 -2.54
C6 OMU A 8 -0.72 -1.26 -1.32
O2 OMU A 8 -0.73 -4.62 -0.28
O4 OMU A 8 0.85 -2.83 -4.12
C1' OMU A 8 -1.62 -2.25 0.76
C2' OMU A 8 -0.64 -2.17 1.93
O2' OMU A 8 -1.27 -2.59 3.15
CM2 OMU A 8 -1.00 -3.99 3.35
C3' OMU A 8 -0.36 -0.67 1.95
C4' OMU A 8 -1.74 -0.09 1.70
O3' OMU A 8 0.02 -0.33 3.28
O4' OMU A 8 -2.35 -1.01 0.79
C5' OMU A 8 -1.74 1.31 1.10
O5' OMU A 8 -0.92 1.37 -0.08
P OMU A 8 -0.17 2.72 -0.51
OP1 OMU A 8 -0.10 3.62 0.67
OP2 OMU A 8 1.06 2.36 -1.25
HN3 OMU A 8 0.34 -4.60 -2.52
H5 OMU A 8 0.05 -0.45 -3.13
H6 OMU A 8 -1.02 -0.28 -0.96
H1' OMU A 8 -2.31 -3.08 0.88
H2' OMU A 8 0.26 -2.74 1.73
HM21 OMU A 8 -1.49 -4.36 4.24
HM22 OMU A 8 -1.34 -4.58 2.49
HM23 OMU A 8 0.08 -4.15 3.46
H3' OMU A 8 0.38 -0.37 1.21
H4' OMU A 8 -2.32 -0.08 2.64
H5' OMU A 8 -2.76 1.59 0.84
H5'' OMU A 8 -1.34 2.01 1.84
N1 OMU A 8 -1.24 -1.29 -0.04
C2 OMU A 8 -1.10 -2.60 -0.46
N3 OMU A 8 -0.16 -2.84 -1.44
C4 OMU A 8 0.64 -1.88 -2.03
C5 OMU A 8 0.45 -0.54 -1.54
C6 OMU A 8 -0.46 -0.29 -0.58
O2 OMU A 8 -1.76 -3.53 0.01
O4 OMU A 8 1.44 -2.21 -2.90
C1' OMU A 8 -2.25 -1.01 1.00
C2' OMU A 8 -1.70 -1.14 2.41
O2' OMU A 8 -2.77 -1.39 3.35
CM2 OMU A 8 -2.29 -2.27 4.37
C3' OMU A 8 -1.12 0.25 2.61
C4' OMU A 8 -2.17 1.14 1.98
O3' OMU A 8 -1.11 0.52 4.02
O4' OMU A 8 -2.66 0.37 0.86
C5' OMU A 8 -1.64 2.48 1.46
O5' OMU A 8 -0.62 2.30 0.48
P OMU A 8 -0.04 3.54 -0.37
OP1 OMU A 8 0.23 4.65 0.57
OP2 OMU A 8 1.03 3.04 -1.26
HN3 OMU A 8 -0.05 -3.78 -1.75
H5 OMU A 8 1.04 0.28 -1.96
H6 OMU A 8 -0.60 0.72 -0.22
H1' OMU A 8 -3.11 -1.66 0.84
H2' OMU A 8 -0.94 -1.91 2.47
HM21 OMU A 8 -1.49 -1.79 4.95
HM22 OMU A 8 -3.09 -2.54 5.06
HM23 OMU A 8 -1.89 -3.19 3.93
H3' OMU A 8 -0.13 0.36 2.17
H4' OMU A 8 -2.99 1.32 2.67
H5' OMU A 8 -2.47 3.04 1.02
H5'' OMU A 8 -1.24 3.04 2.30
N1 OMU A 8 0.74 -0.25 -2.15
C2 OMU A 8 1.08 -1.53 -2.53
N3 OMU A 8 2.12 -1.65 -3.41
C4 OMU A 8 2.86 -0.61 -3.93
C5 OMU A 8 2.46 0.70 -3.50
C6 OMU A 8 1.43 0.84 -2.63
O2 OMU A 8 0.49 -2.52 -2.11
O4 OMU A 8 3.78 -0.85 -4.71
C1' OMU A 8 -0.39 -0.09 -1.21
C2' OMU A 8 -0.02 -0.41 0.24
O2' OMU A 8 -1.17 -0.87 0.97
CM2 OMU A 8 -1.40 -2.25 0.64
C3' OMU A 8 0.45 0.96 0.73
C4' OMU A 8 -0.54 1.89 0.07
O3' OMU A 8 0.21 1.01 2.15
O4' OMU A 8 -0.80 1.28 -1.20
C5' OMU A 8 -0.05 3.32 -0.14
O5' OMU A 8 0.99 3.37 -1.12
P OMU A 8 1.27 4.71 -1.98
OP1 OMU A 8 1.53 5.81 -1.04
OP2 OMU A 8 2.24 4.39 -3.05
HN3 OMU A 8 2.38 -2.58 -3.69
H5 OMU A 8 2.98 1.59 -3.86
H6 OMU A 8 1.14 1.84 -2.29
H1' OMU A 8 -1.22 -0.71 -1.54
H2' OMU A 8 0.79 -1.14 0.28
HM21 OMU A 8 -0.93 -2.90 1.38
HM22 OMU A 8 -2.46 -2.46 0.63
HM23 OMU A 8 -0.98 -2.49 -0.34
H3' OMU A 8 1.48 1.17 0.48
H4' OMU A 8 -1.48 1.92 0.64
H5' OMU A 8 -0.89 3.94 -0.48
H5'' OMU A 8 0.32 3.71 0.80
N1 OMU A 8 -0.57 -1.95 -0.57
C2 OMU A 8 -0.48 -3.21 -1.13
N3 OMU A 8 0.10 -3.28 -2.37
C4 OMU A 8 0.58 -2.22 -3.11
C5 OMU A 8 0.44 -0.93 -2.47
C6 OMU A 8 -0.12 -0.84 -1.25
O2 OMU A 8 -0.87 -4.22 -0.54
O4 OMU A 8 1.07 -2.42 -4.21
C1' OMU A 8 -1.18 -1.83 0.77
C2' OMU A 8 -0.14 -2.00 1.89
O2' OMU A 8 -0.77 -2.51 3.09
CM2 OMU A 8 -0.83 -3.93 2.98
C3' OMU A 8 0.30 -0.55 2.08
C4' OMU A 8 -1.01 0.19 1.98
O3' OMU A 8 0.76 -0.42 3.42
O4' OMU A 8 -1.71 -0.50 0.93
C5' OMU A 8 -0.88 1.67 1.59
O5' OMU A 8 -0.12 1.84 0.38
P OMU A 8 0.27 3.31 -0.15
OP1 OMU A 8 0.50 4.18 1.01
OP2 OMU A 8 1.32 3.15 -1.19
HN3 OMU A 8 0.18 -4.21 -2.78
H5 OMU A 8 0.79 -0.03 -2.98
H6 OMU A 8 -0.21 0.14 -0.78
H1' OMU A 8 -1.98 -2.56 0.87
H2' OMU A 8 0.69 -2.63 1.57
HM21 OMU A 8 -1.09 -4.25 1.97
HM22 OMU A 8 -1.57 -4.33 3.67
HM23 OMU A 8 0.14 -4.38 3.22
H3' OMU A 8 1.04 -0.24 1.35
H4' OMU A 8 -1.58 0.12 2.89
H5' OMU A 8 -1.88 2.09 1.45
H5'' OMU A 8 -0.38 2.20 2.40
N1 OMU A 8 0.54 -0.03 -1.06
C2 OMU A 8 0.80 -1.26 -1.65
N3 OMU A 8 1.80 -1.27 -2.60
C4 OMU A 8 2.54 -0.19 -3.01
C5 OMU A 8 2.21 1.05 -2.34
C6 OMU A 8 1.23 1.09 -1.41
O2 OMU A 8 0.20 -2.28 -1.36
O4 OMU A 8 3.41 -0.32 -3.87
C1' OMU A 8 -0.54 0.01 -0.03
C2' OMU A 8 -0.01 -0.21 1.39
O2' OMU A 8 -1.04 -0.74 2.24
CM2 OMU A 8 -1.17 -2.15 1.98
C3' OMU A 8 0.36 1.22 1.77
C4' OMU A 8 -0.80 2.01 1.19
O3' OMU A 8 0.27 1.31 3.21
O4' OMU A 8 -1.11 1.33 -0.03
C5' OMU A 8 -0.50 3.48 0.89
O5' OMU A 8 0.53 3.60 -0.09
P OMU A 8 0.74 4.98 -0.90
OP1 OMU A 8 0.72 6.10 0.07
OP2 OMU A 8 1.89 4.81 -1.81
HN3 OMU A 8 2.00 -2.15 -3.03
H5 OMU A 8 2.74 1.97 -2.61
H6 OMU A 8 1.00 2.03 -0.92
H1' OMU A 8 -1.30 -0.72 -0.28
H2' OMU A 8 0.86 -0.85 1.39
HM21 OMU A 8 -2.21 -2.43 1.91
HM22 OMU A 8 -0.70 -2.72 2.78
HM23 OMU A 8 -0.67 -2.42 1.04
H3' OMU A 8 1.33 1.54 1.40
H4' OMU A 8 -1.68 1.96 1.86
H5' OMU A 8 -1.40 3.96 0.53
H5'' OMU A 8 -0.18 3.97 1.81
N1 OMU A 8 -1.09 -1.73 0.00
C2 OMU A 8 -0.77 -3.02 -0.39
N3 OMU A 8 -0.22 -3.14 -1.65
C4 OMU A 8 0.02 -2.11 -2.54
C5 OMU A 8 -0.34 -0.80 -2.06
C6 OMU A 8 -0.88 -0.65 -0.82
O2 OMU A 8 -0.94 -3.99 0.32
O4 OMU A 8 0.50 -2.36 -3.63
C1' OMU A 8 -1.70 -1.56 1.33
C2' OMU A 8 -0.67 -1.33 2.44
O2' OMU A 8 -1.19 -1.74 3.72
CM2 OMU A 8 -0.88 -3.12 3.90
C3' OMU A 8 -0.52 0.19 2.38
C4' OMU A 8 -1.95 0.65 2.17
O3' OMU A 8 -0.11 0.65 3.68
O4' OMU A 8 -2.52 -0.37 1.31
C5' OMU A 8 -2.09 2.01 1.50
O5' OMU A 8 -1.30 2.09 0.30
P OMU A 8 -0.67 3.49 -0.19
OP1 OMU A 8 -0.63 4.42 0.96
OP2 OMU A 8 0.57 3.20 -0.94
HN3 OMU A 8 0.01 -4.08 -1.96
H5 OMU A 8 -0.17 0.07 -2.69
H6 OMU A 8 -1.13 0.34 -0.47
H1' OMU A 8 -2.33 -2.42 1.56
H2' OMU A 8 0.27 -1.83 2.21
HM21 OMU A 8 0.18 -3.26 4.10
HM22 OMU A 8 -1.43 -3.53 4.74
HM23 OMU A 8 -1.14 -3.71 3.01
H3' OMU A 8 0.16 0.51 1.60
H4' OMU A 8 -2.50 0.65 3.11
H5' OMU A 8 -3.13 2.19 1.25
H5'' OMU A 8 -1.75 2.78 2.20
N1 OMU A 8 0.27 -0.53 -2.31
C2 OMU A 8 0.40 -1.55 -3.22
N3 OMU A 8 1.13 -1.27 -4.35
C4 OMU A 8 1.75 -0.06 -4.65
C5 OMU A 8 1.57 0.96 -3.64
C6 OMU A 8 0.85 0.70 -2.53
O2 OMU A 8 -0.10 -2.65 -3.05
O4 OMU A 8 2.37 0.06 -5.69
C1' OMU A 8 -0.53 -0.79 -1.10
C2' OMU A 8 0.34 -1.06 0.14
O2' OMU A 8 -0.35 -1.91 1.07
CM2 OMU A 8 -0.18 -3.27 0.65
C3' OMU A 8 0.50 0.35 0.70
C4' OMU A 8 -0.88 0.95 0.47
O3' OMU A 8 0.67 0.24 2.12
O4' OMU A 8 -1.30 0.39 -0.78
C5' OMU A 8 -0.90 2.48 0.36
O5' OMU A 8 -0.05 2.94 -0.69
P OMU A 8 -0.02 4.50 -1.11
OP1 OMU A 8 -0.06 5.32 0.13
OP2 OMU A 8 1.07 4.70 -2.08
HN3 OMU A 8 1.23 -2.01 -5.03
H5 OMU A 8 2.01 1.94 -3.79
H6 OMU A 8 0.72 1.49 -1.79
H1' OMU A 8 -1.21 -1.62 -1.28
H2' OMU A 8 1.30 -1.47 -0.14
HM21 OMU A 8 -0.24 -3.36 -0.44
HM22 OMU A 8 -0.94 -3.91 1.10
HM23 OMU A 8 0.80 -3.65 0.97
H3' OMU A 8 1.31 0.91 0.23
H4' OMU A 8 -1.58 0.64 1.24
H5' OMU A 8 -1.92 2.80 0.17
H5'' OMU A 8 -0.57 2.90 1.31
N1 OMU A 8 -0.96 -0.94 -0.27
C2 OMU A 8 -0.88 -2.29 -0.59
N3 OMU A 8 -0.24 -2.61 -1.76
C4 OMU A 8 0.32 -1.70 -2.64
C5 OMU A 8 0.21 -0.32 -2.26
C6 OMU A 8 -0.42 0.02 -1.10
O2 OMU A 8 -1.35 -3.15 0.14
O4 OMU A 8 0.86 -2.11 -3.67
C1' OMU A 8 -1.68 -0.56 0.96
C2' OMU A 8 -0.76 -0.56 2.19
O2' OMU A 8 -1.53 -0.73 3.39
CM2 OMU A 8 -1.77 -2.12 3.59
C3' OMU A 8 -0.19 0.85 2.11
C4' OMU A 8 -1.41 1.66 1.72
O3' OMU A 8 0.20 1.24 3.42
O4' OMU A 8 -2.13 0.80 0.83
C5' OMU A 8 -1.12 2.98 1.01
O5' OMU A 8 -0.35 2.79 -0.18
P OMU A 8 0.27 4.04 -0.99
OP1 OMU A 8 0.53 5.13 -0.02
OP2 OMU A 8 1.37 3.53 -1.85
HN3 OMU A 8 -0.17 -3.59 -1.99
H5 OMU A 8 0.62 0.46 -2.90
H6 OMU A 8 -0.49 1.07 -0.82
H1' OMU A 8 -2.53 -1.22 1.11
H2' OMU A 8 0.02 -1.32 2.11
HM21 OMU A 8 -2.33 -2.29 4.50
HM22 OMU A 8 -0.83 -2.67 3.66
HM23 OMU A 8 -2.34 -2.54 2.76
H3' OMU A 8 0.64 0.94 1.39
H4' OMU A 8 -2.03 1.87 2.60
H5' OMU A 8 -2.06 3.47 0.76
H5'' OMU A 8 -0.56 3.63 1.69
N1 OMU A 8 1.55 -0.39 -2.17
C2 OMU A 8 1.69 -1.68 -2.65
N3 OMU A 8 2.51 -1.82 -3.76
C4 OMU A 8 3.17 -0.81 -4.41
C5 OMU A 8 2.98 0.50 -3.85
C6 OMU A 8 2.19 0.66 -2.76
O2 OMU A 8 1.14 -2.64 -2.14
O4 OMU A 8 3.86 -1.07 -5.39
C1' OMU A 8 0.69 -0.20 -0.98
C2' OMU A 8 1.42 -0.46 0.33
O2' OMU A 8 0.50 -0.81 1.37
CM2 OMU A 8 0.11 -2.19 1.19
C3' OMU A 8 2.02 0.92 0.59
C4' OMU A 8 0.87 1.83 0.22
O3' OMU A 8 2.24 1.06 2.00
O4' OMU A 8 0.27 1.18 -0.92
C5' OMU A 8 1.27 3.25 -0.17
O5' OMU A 8 2.09 3.27 -1.34
P OMU A 8 2.32 4.64 -2.17
OP1 OMU A 8 2.77 5.68 -1.22
OP2 OMU A 8 3.14 4.33 -3.36
HN3 OMU A 8 2.61 -2.76 -4.12
H5 OMU A 8 3.47 1.37 -4.31
H6 OMU A 8 2.06 1.67 -2.35
H1' OMU A 8 -0.19 -0.83 -1.06
H2' OMU A 8 2.20 -1.21 0.21
HM21 OMU A 8 0.67 -2.65 0.38
HM22 OMU A 8 -0.95 -2.26 0.96
HM23 OMU A 8 0.29 -2.76 2.09
H3' OMU A 8 2.93 1.10 0.01
H4' OMU A 8 0.14 1.88 1.03
H5' OMU A 8 0.36 3.84 -0.36
H5'' OMU A 8 1.81 3.70 0.66
N1 OMU A 8 -0.55 -1.50 -0.56
C2 OMU A 8 -0.40 -2.79 -1.04
N3 OMU A 8 0.38 -2.93 -2.15
C4 OMU A 8 1.02 -1.92 -2.84
C5 OMU A 8 0.82 -0.60 -2.29
C6 OMU A 8 0.06 -0.44 -1.18
O2 OMU A 8 -0.92 -3.75 -0.48
O4 OMU A 8 1.69 -2.18 -3.83
C1' OMU A 8 -1.39 -1.30 0.64
C2' OMU A 8 -0.59 -1.27 1.94
O2' OMU A 8 -1.41 -1.70 3.04
CM2 OMU A 8 -1.38 -3.13 3.10
C3' OMU A 8 -0.24 0.20 2.04
C4' OMU A 8 -1.53 0.87 1.56
O3' OMU A 8 -0.08 0.51 3.43
O4' OMU A 8 -2.03 0.00 0.54
C5' OMU A 8 -1.33 2.27 0.98
O5' OMU A 8 -0.37 2.26 -0.08
P OMU A 8 0.26 3.64 -0.64
OP1 OMU A 8 0.32 4.61 0.48
OP2 OMU A 8 1.49 3.32 -1.40
HN3 OMU A 8 0.50 -3.87 -2.51
H5 OMU A 8 1.29 0.26 -2.77
H6 OMU A 8 -0.09 0.57 -0.79
H1' OMU A 8 -2.16 -2.07 0.66
H2' OMU A 8 0.31 -1.89 1.85
HM21 OMU A 8 -2.22 -3.49 3.70
HM22 OMU A 8 -1.45 -3.57 2.11
HM23 OMU A 8 -0.46 -3.49 3.57
H3' OMU A 8 0.63 0.48 1.45
H4' OMU A 8 -2.25 0.92 2.38
H5' OMU A 8 -2.29 2.62 0.60
H5'' OMU A 8 -1.00 2.93 1.77
N1 OMU A 8 -0.99 -1.78 -0.30
C2 OMU A 8 -0.64 -3.05 -0.71
N3 OMU A 8 -0.01 -3.14 -1.93
C4 OMU A 8 0.29 -2.09 -2.77
C5 OMU A 8 -0.10 -0.79 -2.27
C6 OMU A 8 -0.72 -0.68 -1.08
O2 OMU A 8 -0.86 -4.05 -0.03
O4 OMU A 8 0.86 -2.30 -3.85
C1' OMU A 8 -1.69 -1.65 0.99
C2' OMU A 8 -0.73 -1.45 2.17
O2' OMU A 8 -1.33 -1.89 3.39
CM2 OMU A 8 -1.02 -3.27 3.58
C3' OMU A 8 -0.56 0.06 2.14
C4' OMU A 8 -1.99 0.53 1.86
O3' OMU A 8 -0.24 0.50 3.47
O4' OMU A 8 -2.51 -0.45 0.96
C5' OMU A 8 -2.08 1.92 1.21
O5' OMU A 8 -1.23 2.01 0.05
P OMU A 8 -0.62 3.43 -0.42
OP1 OMU A 8 -0.62 4.35 0.74
OP2 OMU A 8 0.63 3.16 -1.17
HN3 OMU A 8 0.26 -4.07 -2.24
H5 OMU A 8 0.10 0.09 -2.87
H6 OMU A 8 -1.02 0.31 -0.73
H1' OMU A 8 -2.33 -2.51 1.16
H2' OMU A 8 0.23 -1.95 1.98
HM21 OMU A 8 -1.73 -3.74 4.25
HM22 OMU A 8 -0.02 -3.38 4.03
HM23 OMU A 8 -1.02 -3.81 2.64
H3' OMU A 8 0.15 0.41 1.41
H4' OMU A 8 -2.58 0.53 2.77
H5' OMU A 8 -3.11 2.10 0.92
H5'' OMU A 8 -1.76 2.66 1.94
N1 OMU A 8 0.89 -0.17 -1.60
C2 OMU A 8 1.08 -1.48 -2.02
N3 OMU A 8 2.15 -1.69 -2.86
C4 OMU A 8 3.04 -0.74 -3.33
C5 OMU A 8 2.78 0.60 -2.85
C6 OMU A 8 1.73 0.84 -2.02
O2 OMU A 8 0.35 -2.39 -1.67
O4 OMU A 8 3.94 -1.07 -4.07
C1' OMU A 8 -0.25 0.10 -0.71
C2' OMU A 8 0.12 -0.06 0.77
O2' OMU A 8 -1.05 -0.38 1.55
CM2 OMU A 8 -1.30 -1.79 1.44
C3' OMU A 8 0.63 1.33 1.08
C4' OMU A 8 -0.37 2.21 0.35
O3' OMU A 8 0.44 1.57 2.49
O4' OMU A 8 -0.65 1.47 -0.85
C5' OMU A 8 0.14 3.60 -0.03
O5' OMU A 8 1.23 3.53 -0.95
P OMU A 8 1.64 4.82 -1.83
OP1 OMU A 8 1.85 5.96 -0.92
OP2 OMU A 8 2.74 4.41 -2.75
HN3 OMU A 8 2.30 -2.65 -3.17
H5 OMU A 8 3.42 1.42 -3.16
H6 OMU A 8 1.54 1.85 -1.68
H1' OMU A 8 -1.09 -0.55 -0.97
H2' OMU A 8 0.90 -0.81 0.90
HM21 OMU A 8 -0.88 -2.18 0.51
HM22 OMU A 8 -2.37 -1.99 1.45
HM23 OMU A 8 -0.86 -2.33 2.28
H3' OMU A 8 1.66 1.49 0.77
H4' OMU A 8 -1.29 2.31 0.92
H5' OMU A 8 -0.68 4.16 -0.47
H5'' OMU A 8 0.47 4.11 0.88
N1 OMU A 8 -0.82 -1.76 -0.50
C2 OMU A 8 -0.59 -3.05 -0.92
N3 OMU A 8 -0.06 -3.19 -2.19
C4 OMU A 8 0.24 -2.17 -3.06
C5 OMU A 8 -0.03 -0.84 -2.55
C6 OMU A 8 -0.55 -0.68 -1.31
O2 OMU A 8 -0.81 -4.03 -0.22
O4 OMU A 8 0.70 -2.42 -4.17
C1' OMU A 8 -1.42 -1.57 0.85
C2' OMU A 8 -0.36 -1.41 1.94
O2' OMU A 8 -0.88 -1.82 3.22
CM2 OMU A 8 -0.58 -3.20 3.41
C3' OMU A 8 -0.13 0.09 1.90
C4' OMU A 8 -1.53 0.63 1.71
O3' OMU A 8 0.32 0.51 3.19
O4' OMU A 8 -2.16 -0.33 0.84
C5' OMU A 8 -1.61 2.01 1.06
O5' OMU A 8 -0.84 2.07 -0.15
P OMU A 8 -0.18 3.46 -0.64
OP1 OMU A 8 -0.08 4.37 0.51
OP2 OMU A 8 1.03 3.13 -1.43
HN3 OMU A 8 0.11 -4.13 -2.50
H5 OMU A 8 0.19 0.03 -3.16
H6 OMU A 8 -0.74 0.32 -0.93
H1' OMU A 8 -2.09 -2.40 1.07
H2' OMU A 8 0.55 -1.96 1.69
HM21 OMU A 8 -0.66 -3.76 2.48
HM22 OMU A 8 -1.27 -3.64 4.13
HM23 OMU A 8 0.43 -3.33 3.80
H3' OMU A 8 0.56 0.40 1.11
H4' OMU A 8 -2.07 0.65 2.66
H5' OMU A 8 -2.65 2.24 0.85
H5'' OMU A 8 -1.22 2.75 1.77
#